data_6Y4D
#
_entry.id   6Y4D
#
_cell.length_a   95.900
_cell.length_b   95.900
_cell.length_c   136.330
_cell.angle_alpha   90.000
_cell.angle_beta   90.000
_cell.angle_gamma   90.000
#
_symmetry.space_group_name_H-M   'P 42 21 2'
#
loop_
_entity.id
_entity.type
_entity.pdbx_description
1 polymer 'short-chain dehydrogenase/reductase (SDR)'
2 non-polymer 'NADP NICOTINAMIDE-ADENINE-DINUCLEOTIDE PHOSPHATE'
3 non-polymer GLYCEROL
4 water water
#
_entity_poly.entity_id   1
_entity_poly.type   'polypeptide(L)'
_entity_poly.pdbx_seq_one_letter_code
;MGSSHHHHHHSSGLVPRGSHMASMTGGQQMGRGSMSLEKRWSLKGTTALVTGGTKGIGHAIVEELAGFGARVYTCSRNEA
ELTKCLQEWENLNFDVAGSVCDIASRTEREELMERVSSVFNGNLNILINNAGGYVNKPIDDVTAEDFSFLVAVNLESAFH
LCQLAHPMLKASGRGSIVHVSSCCAQIALPGHSMYSATKGAINQLTRNLACEWAKDNIRTNTVAPGAIRTPSSEPFVNDK
DAVAKEVARVPLGRIGEPEEVAAITVFLCMPAASYITGQVICVDGGRTING
;
_entity_poly.pdbx_strand_id   A,B
#
loop_
_chem_comp.id
_chem_comp.type
_chem_comp.name
_chem_comp.formula
GOL non-polymer GLYCEROL 'C3 H8 O3'
NAP non-polymer 'NADP NICOTINAMIDE-ADENINE-DINUCLEOTIDE PHOSPHATE' 'C21 H28 N7 O17 P3'
#
# COMPACT_ATOMS: atom_id res chain seq x y z
N MET A 35 -9.21 -10.71 -14.53
CA MET A 35 -9.17 -11.67 -13.44
C MET A 35 -10.17 -11.29 -12.35
N SER A 36 -10.84 -12.28 -11.78
CA SER A 36 -11.95 -12.03 -10.86
C SER A 36 -11.44 -11.50 -9.53
N LEU A 37 -12.37 -10.98 -8.72
CA LEU A 37 -12.03 -10.42 -7.42
C LEU A 37 -11.47 -11.50 -6.50
N GLU A 38 -12.09 -12.68 -6.50
CA GLU A 38 -11.63 -13.76 -5.61
C GLU A 38 -10.22 -14.19 -5.93
N LYS A 39 -9.88 -14.25 -7.23
CA LYS A 39 -8.53 -14.62 -7.62
C LYS A 39 -7.52 -13.52 -7.29
N ARG A 40 -7.89 -12.26 -7.57
CA ARG A 40 -6.93 -11.17 -7.36
C ARG A 40 -6.56 -10.99 -5.90
N TRP A 41 -7.46 -11.33 -4.98
CA TRP A 41 -7.22 -11.23 -3.55
C TRP A 41 -6.90 -12.57 -2.91
N SER A 42 -6.18 -13.45 -3.60
CA SER A 42 -5.87 -14.76 -3.08
C SER A 42 -4.42 -15.10 -3.34
N LEU A 43 -3.87 -16.00 -2.51
CA LEU A 43 -2.52 -16.52 -2.70
C LEU A 43 -2.50 -18.04 -2.75
N LYS A 44 -3.64 -18.66 -3.00
CA LYS A 44 -3.70 -20.12 -3.05
C LYS A 44 -2.88 -20.63 -4.23
N GLY A 45 -2.07 -21.64 -3.98
CA GLY A 45 -1.19 -22.16 -5.01
C GLY A 45 0.13 -21.43 -5.14
N THR A 46 0.47 -20.57 -4.20
CA THR A 46 1.74 -19.86 -4.21
C THR A 46 2.65 -20.39 -3.12
N THR A 47 3.95 -20.14 -3.29
CA THR A 47 4.97 -20.52 -2.33
C THR A 47 5.73 -19.28 -1.90
N ALA A 48 6.17 -19.27 -0.64
CA ALA A 48 6.75 -18.08 -0.05
C ALA A 48 7.88 -18.45 0.89
N LEU A 49 8.87 -17.56 0.98
CA LEU A 49 9.96 -17.66 1.95
C LEU A 49 9.96 -16.40 2.79
N VAL A 50 9.89 -16.58 4.12
CA VAL A 50 9.94 -15.48 5.08
C VAL A 50 11.10 -15.75 6.01
N THR A 51 12.11 -14.89 5.98
CA THR A 51 13.23 -15.03 6.90
C THR A 51 12.83 -14.52 8.28
N GLY A 52 13.23 -15.25 9.31
CA GLY A 52 12.92 -14.88 10.68
C GLY A 52 11.43 -14.86 10.99
N GLY A 53 10.77 -16.00 10.85
CA GLY A 53 9.33 -16.05 11.03
C GLY A 53 8.87 -16.68 12.32
N THR A 54 9.74 -16.73 13.34
CA THR A 54 9.35 -17.32 14.61
C THR A 54 8.86 -16.31 15.62
N LYS A 55 9.09 -15.01 15.40
CA LYS A 55 8.72 -13.99 16.35
C LYS A 55 8.17 -12.75 15.64
N GLY A 56 7.32 -12.02 16.35
CA GLY A 56 6.97 -10.66 15.96
C GLY A 56 6.41 -10.54 14.56
N ILE A 57 6.98 -9.60 13.80
CA ILE A 57 6.44 -9.24 12.49
C ILE A 57 6.52 -10.42 11.53
N GLY A 58 7.68 -11.06 11.45
CA GLY A 58 7.83 -12.20 10.56
C GLY A 58 6.88 -13.33 10.90
N HIS A 59 6.69 -13.59 12.19
CA HIS A 59 5.71 -14.58 12.62
C HIS A 59 4.32 -14.22 12.12
N ALA A 60 3.94 -12.94 12.21
CA ALA A 60 2.65 -12.51 11.72
C ALA A 60 2.57 -12.65 10.20
N ILE A 61 3.66 -12.36 9.49
CA ILE A 61 3.67 -12.47 8.03
C ILE A 61 3.45 -13.92 7.61
N VAL A 62 4.07 -14.86 8.32
CA VAL A 62 3.90 -16.28 7.98
C VAL A 62 2.44 -16.69 8.09
N GLU A 63 1.80 -16.33 9.21
CA GLU A 63 0.41 -16.69 9.40
C GLU A 63 -0.52 -15.95 8.44
N GLU A 64 -0.17 -14.71 8.08
CA GLU A 64 -0.98 -13.97 7.14
C GLU A 64 -0.89 -14.56 5.74
N LEU A 65 0.33 -14.97 5.33
CA LEU A 65 0.50 -15.61 4.03
C LEU A 65 -0.22 -16.96 3.99
N ALA A 66 -0.04 -17.77 5.03
CA ALA A 66 -0.69 -19.08 5.07
C ALA A 66 -2.21 -18.94 5.12
N GLY A 67 -2.72 -17.90 5.80
CA GLY A 67 -4.15 -17.70 5.88
C GLY A 67 -4.80 -17.46 4.53
N PHE A 68 -4.04 -16.92 3.57
CA PHE A 68 -4.53 -16.69 2.22
C PHE A 68 -4.15 -17.81 1.25
N GLY A 69 -3.78 -18.98 1.76
CA GLY A 69 -3.59 -20.15 0.95
C GLY A 69 -2.18 -20.40 0.44
N ALA A 70 -1.20 -19.66 0.93
CA ALA A 70 0.17 -19.83 0.45
C ALA A 70 0.88 -20.96 1.22
N ARG A 71 1.84 -21.57 0.54
CA ARG A 71 2.76 -22.51 1.18
C ARG A 71 3.99 -21.73 1.62
N VAL A 72 4.30 -21.77 2.91
CA VAL A 72 5.28 -20.89 3.52
C VAL A 72 6.49 -21.69 3.97
N TYR A 73 7.68 -21.15 3.72
CA TYR A 73 8.92 -21.65 4.28
C TYR A 73 9.55 -20.51 5.07
N THR A 74 10.07 -20.82 6.26
CA THR A 74 10.65 -19.80 7.12
C THR A 74 11.90 -20.36 7.79
N CYS A 75 12.50 -19.55 8.66
CA CYS A 75 13.74 -19.94 9.32
C CYS A 75 13.98 -19.04 10.52
N SER A 76 14.86 -19.50 11.40
CA SER A 76 15.42 -18.70 12.49
C SER A 76 16.68 -19.41 12.98
N ARG A 77 17.30 -18.83 14.00
CA ARG A 77 18.53 -19.40 14.54
C ARG A 77 18.29 -20.34 15.72
N ASN A 78 17.05 -20.46 16.19
CA ASN A 78 16.71 -21.25 17.37
C ASN A 78 15.91 -22.46 16.92
N GLU A 79 16.50 -23.66 17.03
CA GLU A 79 15.83 -24.86 16.56
C GLU A 79 14.60 -25.19 17.40
N ALA A 80 14.69 -25.04 18.72
CA ALA A 80 13.57 -25.36 19.59
C ALA A 80 12.38 -24.45 19.30
N GLU A 81 12.63 -23.14 19.19
CA GLU A 81 11.55 -22.20 18.91
C GLU A 81 10.96 -22.41 17.52
N LEU A 82 11.81 -22.73 16.53
CA LEU A 82 11.30 -22.97 15.19
C LEU A 82 10.45 -24.23 15.13
N THR A 83 10.87 -25.29 15.83
CA THR A 83 10.10 -26.52 15.85
C THR A 83 8.76 -26.34 16.55
N LYS A 84 8.70 -25.50 17.58
CA LYS A 84 7.44 -25.23 18.24
C LYS A 84 6.49 -24.48 17.31
N CYS A 85 7.01 -23.51 16.55
CA CYS A 85 6.16 -22.76 15.63
C CYS A 85 5.65 -23.63 14.49
N LEU A 86 6.52 -24.48 13.93
CA LEU A 86 6.08 -25.39 12.88
C LEU A 86 5.03 -26.36 13.41
N GLN A 87 5.16 -26.78 14.66
CA GLN A 87 4.14 -27.63 15.26
C GLN A 87 2.83 -26.86 15.46
N GLU A 88 2.93 -25.58 15.84
CA GLU A 88 1.74 -24.77 16.04
C GLU A 88 1.01 -24.52 14.72
N TRP A 89 1.76 -24.18 13.67
CA TRP A 89 1.13 -23.90 12.38
C TRP A 89 0.52 -25.15 11.77
N GLU A 90 1.07 -26.33 12.07
CA GLU A 90 0.48 -27.57 11.58
C GLU A 90 -0.91 -27.78 12.18
N ASN A 91 -1.07 -27.48 13.47
CA ASN A 91 -2.37 -27.60 14.12
C ASN A 91 -3.38 -26.60 13.57
N LEU A 92 -2.92 -25.50 12.99
CA LEU A 92 -3.79 -24.52 12.35
C LEU A 92 -4.05 -24.86 10.89
N ASN A 93 -3.69 -26.07 10.45
CA ASN A 93 -3.91 -26.52 9.08
C ASN A 93 -3.12 -25.71 8.06
N PHE A 94 -2.01 -25.11 8.49
CA PHE A 94 -1.12 -24.40 7.58
C PHE A 94 -0.04 -25.36 7.08
N ASP A 95 0.48 -25.07 5.89
CA ASP A 95 1.56 -25.82 5.28
C ASP A 95 2.82 -24.95 5.39
N VAL A 96 3.53 -25.09 6.50
CA VAL A 96 4.75 -24.32 6.76
C VAL A 96 5.89 -25.29 6.99
N ALA A 97 6.97 -25.13 6.23
CA ALA A 97 8.23 -25.82 6.44
C ALA A 97 9.27 -24.82 6.93
N GLY A 98 10.41 -25.34 7.37
CA GLY A 98 11.45 -24.45 7.88
C GLY A 98 12.69 -25.22 8.27
N SER A 99 13.76 -24.45 8.50
CA SER A 99 15.03 -25.01 8.93
C SER A 99 15.83 -23.91 9.60
N VAL A 100 16.77 -24.33 10.44
CA VAL A 100 17.64 -23.37 11.14
C VAL A 100 18.58 -22.72 10.14
N CYS A 101 18.69 -21.39 10.21
CA CYS A 101 19.55 -20.66 9.28
C CYS A 101 19.85 -19.29 9.88
N ASP A 102 21.13 -18.94 9.90
CA ASP A 102 21.58 -17.59 10.25
C ASP A 102 21.85 -16.88 8.94
N ILE A 103 20.96 -15.97 8.55
CA ILE A 103 21.06 -15.31 7.25
C ILE A 103 22.24 -14.36 7.16
N ALA A 104 22.95 -14.12 8.25
CA ALA A 104 24.18 -13.34 8.20
C ALA A 104 25.38 -14.15 7.69
N SER A 105 25.21 -15.44 7.46
CA SER A 105 26.25 -16.29 6.91
C SER A 105 25.97 -16.56 5.45
N ARG A 106 26.97 -16.35 4.60
CA ARG A 106 26.79 -16.60 3.17
C ARG A 106 26.55 -18.08 2.89
N THR A 107 27.28 -18.96 3.58
CA THR A 107 27.10 -20.39 3.38
C THR A 107 25.69 -20.82 3.77
N GLU A 108 25.20 -20.35 4.92
CA GLU A 108 23.88 -20.78 5.39
C GLU A 108 22.76 -20.20 4.53
N ARG A 109 22.97 -19.02 3.93
CA ARG A 109 21.99 -18.50 2.99
C ARG A 109 21.89 -19.39 1.76
N GLU A 110 23.02 -19.96 1.33
CA GLU A 110 23.01 -20.83 0.15
C GLU A 110 22.35 -22.17 0.46
N GLU A 111 22.64 -22.73 1.64
CA GLU A 111 21.98 -23.97 2.06
C GLU A 111 20.48 -23.76 2.20
N LEU A 112 20.06 -22.60 2.73
CA LEU A 112 18.64 -22.32 2.90
C LEU A 112 17.92 -22.31 1.55
N MET A 113 18.47 -21.58 0.57
CA MET A 113 17.86 -21.50 -0.74
C MET A 113 17.92 -22.82 -1.50
N GLU A 114 18.82 -23.73 -1.09
CA GLU A 114 18.83 -25.06 -1.69
C GLU A 114 17.72 -25.94 -1.14
N ARG A 115 17.45 -25.82 0.17
CA ARG A 115 16.31 -26.53 0.75
C ARG A 115 14.99 -25.98 0.23
N VAL A 116 14.88 -24.65 0.11
CA VAL A 116 13.67 -24.04 -0.41
C VAL A 116 13.42 -24.51 -1.84
N SER A 117 14.47 -24.57 -2.65
CA SER A 117 14.33 -24.98 -4.04
C SER A 117 13.90 -26.44 -4.16
N SER A 118 14.33 -27.30 -3.23
N SER A 118 14.34 -27.29 -3.24
CA SER A 118 13.93 -28.70 -3.31
CA SER A 118 13.94 -28.69 -3.28
C SER A 118 12.52 -28.91 -2.76
C SER A 118 12.53 -28.90 -2.76
N VAL A 119 12.18 -28.22 -1.68
CA VAL A 119 10.83 -28.34 -1.12
C VAL A 119 9.80 -27.79 -2.08
N PHE A 120 10.07 -26.64 -2.70
CA PHE A 120 9.13 -25.98 -3.59
C PHE A 120 9.36 -26.32 -5.06
N ASN A 121 10.20 -27.32 -5.35
CA ASN A 121 10.47 -27.74 -6.72
C ASN A 121 11.01 -26.60 -7.59
N GLY A 122 11.82 -25.72 -7.01
CA GLY A 122 12.39 -24.62 -7.75
C GLY A 122 11.44 -23.52 -8.13
N ASN A 123 10.21 -23.51 -7.60
CA ASN A 123 9.20 -22.52 -7.91
C ASN A 123 8.90 -21.73 -6.65
N LEU A 124 9.29 -20.46 -6.62
CA LEU A 124 9.06 -19.59 -5.47
C LEU A 124 8.38 -18.32 -5.96
N ASN A 125 7.21 -18.03 -5.39
CA ASN A 125 6.47 -16.83 -5.75
C ASN A 125 6.87 -15.61 -4.93
N ILE A 126 7.15 -15.80 -3.64
CA ILE A 126 7.23 -14.70 -2.68
C ILE A 126 8.52 -14.83 -1.88
N LEU A 127 9.23 -13.70 -1.71
CA LEU A 127 10.37 -13.61 -0.82
C LEU A 127 10.15 -12.42 0.11
N ILE A 128 10.10 -12.67 1.42
CA ILE A 128 9.93 -11.63 2.41
C ILE A 128 11.22 -11.54 3.22
N ASN A 129 11.97 -10.44 3.02
CA ASN A 129 13.20 -10.20 3.77
C ASN A 129 12.85 -9.51 5.09
N ASN A 130 12.46 -10.33 6.07
CA ASN A 130 11.97 -9.81 7.33
C ASN A 130 13.06 -9.74 8.41
N ALA A 131 13.85 -10.80 8.56
CA ALA A 131 14.84 -10.84 9.63
C ALA A 131 15.82 -9.69 9.50
N GLY A 132 16.12 -9.05 10.64
CA GLY A 132 17.03 -7.92 10.66
C GLY A 132 17.79 -7.86 11.97
N GLY A 133 18.61 -6.82 12.10
CA GLY A 133 19.39 -6.62 13.31
C GLY A 133 19.35 -5.16 13.71
N TYR A 134 19.53 -4.92 15.00
CA TYR A 134 19.33 -3.60 15.58
C TYR A 134 20.45 -3.26 16.54
N VAL A 135 20.96 -2.03 16.44
CA VAL A 135 21.90 -1.46 17.39
C VAL A 135 21.47 -0.04 17.69
N ASN A 136 21.41 0.33 18.97
CA ASN A 136 21.01 1.66 19.39
C ASN A 136 22.18 2.29 20.15
N LYS A 137 22.96 3.10 19.45
CA LYS A 137 24.12 3.76 20.02
C LYS A 137 24.30 5.10 19.31
N PRO A 138 24.83 6.11 19.99
CA PRO A 138 25.18 7.35 19.30
C PRO A 138 26.24 7.07 18.24
N ILE A 139 26.37 8.01 17.30
CA ILE A 139 27.29 7.83 16.18
C ILE A 139 28.71 7.62 16.70
N ASP A 140 29.09 8.32 17.77
CA ASP A 140 30.44 8.19 18.29
C ASP A 140 30.71 6.79 18.84
N ASP A 141 29.67 6.07 19.26
CA ASP A 141 29.83 4.79 19.92
C ASP A 141 29.69 3.58 19.00
N VAL A 142 29.31 3.78 17.74
CA VAL A 142 29.17 2.66 16.82
C VAL A 142 30.54 2.07 16.55
N THR A 143 30.72 0.80 16.88
CA THR A 143 32.00 0.13 16.70
C THR A 143 32.11 -0.45 15.29
N ALA A 144 33.33 -0.85 14.94
CA ALA A 144 33.53 -1.53 13.66
C ALA A 144 32.71 -2.82 13.59
N GLU A 145 32.58 -3.52 14.71
CA GLU A 145 31.78 -4.74 14.74
C GLU A 145 30.29 -4.44 14.68
N ASP A 146 29.85 -3.33 15.27
CA ASP A 146 28.48 -2.87 15.09
C ASP A 146 28.19 -2.63 13.62
N PHE A 147 29.12 -2.00 12.91
CA PHE A 147 28.91 -1.66 11.52
C PHE A 147 28.75 -2.91 10.66
N SER A 148 29.68 -3.86 10.78
CA SER A 148 29.63 -5.05 9.94
C SER A 148 28.45 -5.94 10.30
N PHE A 149 28.04 -5.95 11.57
CA PHE A 149 26.88 -6.75 11.96
C PHE A 149 25.61 -6.24 11.29
N LEU A 150 25.36 -4.93 11.38
CA LEU A 150 24.15 -4.36 10.79
C LEU A 150 24.14 -4.56 9.27
N VAL A 151 25.27 -4.32 8.61
CA VAL A 151 25.33 -4.45 7.16
C VAL A 151 25.08 -5.90 6.74
N ALA A 152 25.66 -6.85 7.46
CA ALA A 152 25.51 -8.26 7.09
C ALA A 152 24.05 -8.71 7.18
N VAL A 153 23.38 -8.38 8.28
CA VAL A 153 22.04 -8.92 8.49
C VAL A 153 20.98 -8.10 7.76
N ASN A 154 21.16 -6.78 7.68
CA ASN A 154 20.14 -5.91 7.11
C ASN A 154 20.30 -5.69 5.61
N LEU A 155 21.52 -5.67 5.10
CA LEU A 155 21.77 -5.34 3.70
C LEU A 155 22.28 -6.52 2.88
N GLU A 156 23.40 -7.11 3.27
CA GLU A 156 23.99 -8.18 2.45
C GLU A 156 23.07 -9.39 2.37
N SER A 157 22.43 -9.73 3.49
CA SER A 157 21.56 -10.91 3.51
C SER A 157 20.40 -10.75 2.54
N ALA A 158 19.70 -9.62 2.61
CA ALA A 158 18.58 -9.39 1.70
C ALA A 158 19.05 -9.37 0.25
N PHE A 159 20.16 -8.69 -0.01
CA PHE A 159 20.69 -8.61 -1.37
C PHE A 159 21.04 -10.01 -1.91
N HIS A 160 21.76 -10.80 -1.11
CA HIS A 160 22.16 -12.13 -1.55
C HIS A 160 20.95 -13.05 -1.71
N LEU A 161 19.98 -12.96 -0.79
CA LEU A 161 18.80 -13.81 -0.90
C LEU A 161 17.98 -13.47 -2.14
N CYS A 162 17.94 -12.21 -2.55
CA CYS A 162 17.30 -11.85 -3.81
C CYS A 162 18.02 -12.49 -4.99
N GLN A 163 19.35 -12.41 -5.01
CA GLN A 163 20.13 -13.06 -6.05
C GLN A 163 19.81 -14.55 -6.13
N LEU A 164 19.82 -15.22 -4.98
CA LEU A 164 19.58 -16.67 -4.98
C LEU A 164 18.15 -17.01 -5.34
N ALA A 165 17.20 -16.14 -4.99
CA ALA A 165 15.79 -16.39 -5.29
C ALA A 165 15.45 -16.11 -6.76
N HIS A 166 16.25 -15.30 -7.45
CA HIS A 166 15.92 -14.86 -8.81
C HIS A 166 15.52 -15.98 -9.76
N PRO A 167 16.28 -17.08 -9.89
CA PRO A 167 15.83 -18.14 -10.81
C PRO A 167 14.48 -18.73 -10.43
N MET A 168 14.20 -18.87 -9.13
CA MET A 168 12.94 -19.47 -8.70
C MET A 168 11.78 -18.49 -8.84
N LEU A 169 12.01 -17.21 -8.57
CA LEU A 169 10.96 -16.21 -8.76
C LEU A 169 10.58 -16.11 -10.23
N LYS A 170 11.57 -16.12 -11.12
CA LYS A 170 11.29 -16.12 -12.55
C LYS A 170 10.59 -17.40 -12.98
N ALA A 171 10.95 -18.54 -12.36
CA ALA A 171 10.34 -19.80 -12.74
C ALA A 171 8.88 -19.89 -12.31
N SER A 172 8.50 -19.19 -11.23
CA SER A 172 7.14 -19.28 -10.75
C SER A 172 6.15 -18.65 -11.71
N GLY A 173 6.58 -17.67 -12.50
CA GLY A 173 5.71 -16.96 -13.40
C GLY A 173 5.14 -15.67 -12.84
N ARG A 174 5.12 -15.51 -11.52
CA ARG A 174 4.63 -14.28 -10.90
C ARG A 174 5.35 -14.13 -9.56
N GLY A 175 6.40 -13.31 -9.54
CA GLY A 175 7.24 -13.17 -8.37
C GLY A 175 6.98 -11.87 -7.63
N SER A 176 7.16 -11.92 -6.32
CA SER A 176 6.92 -10.77 -5.45
C SER A 176 7.98 -10.77 -4.36
N ILE A 177 8.82 -9.73 -4.34
CA ILE A 177 9.81 -9.52 -3.29
C ILE A 177 9.33 -8.38 -2.41
N VAL A 178 9.31 -8.60 -1.11
CA VAL A 178 8.96 -7.55 -0.15
C VAL A 178 10.06 -7.52 0.92
N HIS A 179 10.82 -6.43 0.95
CA HIS A 179 11.68 -6.17 2.09
C HIS A 179 10.88 -5.43 3.15
N VAL A 180 11.21 -5.66 4.40
CA VAL A 180 10.69 -4.84 5.49
C VAL A 180 11.84 -4.02 6.04
N SER A 181 11.69 -2.71 5.97
CA SER A 181 12.76 -1.76 6.28
C SER A 181 12.42 -1.05 7.60
N SER A 182 12.37 0.27 7.62
CA SER A 182 11.96 1.01 8.81
C SER A 182 11.64 2.43 8.38
N CYS A 183 10.67 3.04 9.06
CA CYS A 183 10.33 4.42 8.74
C CYS A 183 11.44 5.39 9.14
N CYS A 184 12.37 4.97 10.00
CA CYS A 184 13.50 5.79 10.37
C CYS A 184 14.57 5.87 9.29
N ALA A 185 14.35 5.23 8.14
CA ALA A 185 15.22 5.45 6.98
C ALA A 185 14.84 6.71 6.20
N GLN A 186 13.89 7.49 6.70
CA GLN A 186 13.51 8.76 6.10
C GLN A 186 13.63 9.93 7.07
N ILE A 187 13.80 9.68 8.36
CA ILE A 187 13.98 10.70 9.38
C ILE A 187 15.12 10.26 10.29
N ALA A 188 15.48 11.12 11.24
CA ALA A 188 16.58 10.85 12.16
C ALA A 188 16.01 10.58 13.54
N LEU A 189 16.31 9.39 14.06
CA LEU A 189 15.98 9.02 15.43
C LEU A 189 17.27 8.84 16.23
N PRO A 190 17.28 9.21 17.51
CA PRO A 190 18.51 9.12 18.30
C PRO A 190 18.99 7.67 18.40
N GLY A 191 20.27 7.46 18.10
CA GLY A 191 20.88 6.14 18.21
C GLY A 191 20.65 5.20 17.05
N HIS A 192 19.92 5.63 16.02
CA HIS A 192 19.53 4.76 14.91
C HIS A 192 20.43 4.90 13.68
N SER A 193 21.51 5.67 13.78
CA SER A 193 22.31 6.07 12.62
C SER A 193 22.61 4.91 11.66
N MET A 194 23.43 3.95 12.11
CA MET A 194 23.82 2.86 11.22
C MET A 194 22.67 1.91 10.93
N TYR A 195 21.76 1.71 11.89
CA TYR A 195 20.57 0.90 11.61
C TYR A 195 19.74 1.54 10.51
N SER A 196 19.44 2.84 10.65
CA SER A 196 18.66 3.54 9.63
C SER A 196 19.41 3.60 8.30
N ALA A 197 20.75 3.64 8.34
CA ALA A 197 21.50 3.72 7.10
C ALA A 197 21.40 2.44 6.28
N THR A 198 21.48 1.28 6.94
CA THR A 198 21.30 0.03 6.21
C THR A 198 19.88 -0.09 5.66
N LYS A 199 18.89 0.38 6.42
CA LYS A 199 17.51 0.33 5.94
C LYS A 199 17.29 1.31 4.79
N GLY A 200 18.02 2.43 4.77
CA GLY A 200 17.98 3.31 3.62
C GLY A 200 18.54 2.68 2.37
N ALA A 201 19.58 1.84 2.51
CA ALA A 201 20.10 1.10 1.36
C ALA A 201 19.07 0.11 0.84
N ILE A 202 18.34 -0.54 1.76
CA ILE A 202 17.27 -1.44 1.35
C ILE A 202 16.22 -0.71 0.54
N ASN A 203 15.88 0.53 0.95
CA ASN A 203 14.89 1.30 0.23
C ASN A 203 15.31 1.55 -1.21
N GLN A 204 16.59 1.89 -1.44
CA GLN A 204 17.06 2.12 -2.80
C GLN A 204 17.14 0.82 -3.58
N LEU A 205 17.55 -0.26 -2.91
CA LEU A 205 17.61 -1.57 -3.55
C LEU A 205 16.25 -2.00 -4.08
N THR A 206 15.17 -1.61 -3.39
CA THR A 206 13.83 -1.89 -3.87
C THR A 206 13.64 -1.35 -5.29
N ARG A 207 14.11 -0.13 -5.55
CA ARG A 207 13.90 0.49 -6.85
C ARG A 207 14.71 -0.20 -7.95
N ASN A 208 15.95 -0.59 -7.64
CA ASN A 208 16.77 -1.29 -8.63
C ASN A 208 16.17 -2.65 -8.98
N LEU A 209 15.76 -3.40 -7.96
CA LEU A 209 15.17 -4.72 -8.19
C LEU A 209 13.90 -4.62 -9.02
N ALA A 210 13.04 -3.66 -8.70
CA ALA A 210 11.79 -3.52 -9.43
C ALA A 210 12.03 -3.24 -10.91
N CYS A 211 13.06 -2.46 -11.22
CA CYS A 211 13.33 -2.10 -12.61
C CYS A 211 14.07 -3.19 -13.36
N GLU A 212 15.08 -3.80 -12.73
CA GLU A 212 15.89 -4.78 -13.44
C GLU A 212 15.14 -6.08 -13.69
N TRP A 213 14.32 -6.52 -12.73
CA TRP A 213 13.63 -7.80 -12.83
C TRP A 213 12.18 -7.67 -13.28
N ALA A 214 11.78 -6.49 -13.76
CA ALA A 214 10.43 -6.35 -14.30
C ALA A 214 10.22 -7.26 -15.51
N LYS A 215 11.28 -7.48 -16.30
CA LYS A 215 11.17 -8.35 -17.47
C LYS A 215 10.87 -9.79 -17.08
N ASP A 216 11.14 -10.18 -15.83
CA ASP A 216 10.85 -11.52 -15.35
C ASP A 216 9.51 -11.60 -14.61
N ASN A 217 8.68 -10.57 -14.76
CA ASN A 217 7.39 -10.48 -14.05
C ASN A 217 7.59 -10.61 -12.54
N ILE A 218 8.59 -9.92 -12.02
CA ILE A 218 8.88 -9.88 -10.59
C ILE A 218 8.71 -8.43 -10.13
N ARG A 219 7.85 -8.22 -9.13
CA ARG A 219 7.69 -6.93 -8.51
C ARG A 219 8.43 -6.92 -7.17
N THR A 220 8.96 -5.75 -6.82
CA THR A 220 9.70 -5.59 -5.57
C THR A 220 9.20 -4.32 -4.87
N ASN A 221 8.81 -4.47 -3.61
CA ASN A 221 8.34 -3.35 -2.80
C ASN A 221 8.90 -3.47 -1.40
N THR A 222 8.66 -2.44 -0.59
CA THR A 222 9.18 -2.37 0.76
C THR A 222 8.11 -1.82 1.69
N VAL A 223 7.95 -2.45 2.85
CA VAL A 223 7.14 -1.91 3.94
C VAL A 223 8.09 -1.39 5.02
N ALA A 224 7.85 -0.16 5.46
CA ALA A 224 8.73 0.50 6.42
C ALA A 224 7.96 0.74 7.72
N PRO A 225 8.10 -0.14 8.71
CA PRO A 225 7.28 -0.02 9.91
C PRO A 225 7.79 1.05 10.87
N GLY A 226 6.87 1.57 11.67
CA GLY A 226 7.21 2.36 12.83
C GLY A 226 7.39 1.48 14.05
N ALA A 227 7.13 2.04 15.23
CA ALA A 227 7.22 1.27 16.46
C ALA A 227 6.15 0.18 16.47
N ILE A 228 6.57 -1.07 16.47
CA ILE A 228 5.68 -2.23 16.45
C ILE A 228 5.96 -3.09 17.66
N ARG A 229 4.91 -3.64 18.26
CA ARG A 229 5.01 -4.50 19.44
C ARG A 229 5.54 -5.86 19.01
N THR A 230 6.83 -6.10 19.19
CA THR A 230 7.48 -7.38 18.92
C THR A 230 8.39 -7.72 20.07
N PRO A 231 8.87 -8.97 20.14
CA PRO A 231 9.91 -9.28 21.15
C PRO A 231 11.13 -8.39 21.07
N SER A 232 11.51 -7.94 19.87
N SER A 232 11.53 -7.97 19.87
CA SER A 232 12.70 -7.10 19.74
CA SER A 232 12.69 -7.09 19.74
C SER A 232 12.46 -5.71 20.31
C SER A 232 12.43 -5.73 20.38
N SER A 233 11.24 -5.17 20.17
CA SER A 233 10.90 -3.86 20.70
C SER A 233 10.40 -3.90 22.14
N GLU A 234 10.29 -5.09 22.74
CA GLU A 234 9.85 -5.21 24.12
C GLU A 234 10.58 -4.28 25.09
N PRO A 235 11.93 -4.27 25.18
CA PRO A 235 12.56 -3.40 26.18
C PRO A 235 12.20 -1.93 26.04
N PHE A 236 12.12 -1.44 24.80
CA PHE A 236 11.64 -0.08 24.58
C PHE A 236 10.17 0.06 24.95
N VAL A 237 9.37 -0.99 24.76
CA VAL A 237 7.94 -0.93 25.05
C VAL A 237 7.69 -0.89 26.55
N ASN A 238 8.53 -1.55 27.35
CA ASN A 238 8.36 -1.60 28.79
C ASN A 238 8.98 -0.40 29.51
N ASP A 239 9.46 0.59 28.77
CA ASP A 239 9.99 1.83 29.34
C ASP A 239 8.91 2.89 29.20
N LYS A 240 8.14 3.11 30.27
CA LYS A 240 6.98 3.98 30.20
C LYS A 240 7.33 5.37 29.66
N ASP A 241 8.46 5.93 30.08
CA ASP A 241 8.82 7.26 29.60
C ASP A 241 9.25 7.23 28.14
N ALA A 242 9.82 6.12 27.68
CA ALA A 242 10.31 6.07 26.31
C ALA A 242 9.16 5.94 25.32
N VAL A 243 8.21 5.05 25.58
CA VAL A 243 7.09 4.91 24.66
C VAL A 243 6.19 6.15 24.70
N ALA A 244 6.10 6.80 25.86
CA ALA A 244 5.32 8.04 25.95
C ALA A 244 5.90 9.11 25.02
N LYS A 245 7.23 9.19 24.94
CA LYS A 245 7.85 10.08 23.98
C LYS A 245 7.54 9.65 22.54
N GLU A 246 7.54 8.33 22.29
CA GLU A 246 7.30 7.84 20.94
C GLU A 246 5.85 8.02 20.53
N VAL A 247 4.92 7.55 21.36
CA VAL A 247 3.50 7.60 20.98
C VAL A 247 3.02 9.03 20.84
N ALA A 248 3.66 9.98 21.53
CA ALA A 248 3.30 11.38 21.37
C ALA A 248 3.63 11.88 19.96
N ARG A 249 4.64 11.30 19.32
CA ARG A 249 4.99 11.64 17.95
C ARG A 249 4.11 10.93 16.93
N VAL A 250 3.27 10.00 17.34
CA VAL A 250 2.45 9.20 16.43
C VAL A 250 1.05 9.78 16.42
N PRO A 251 0.53 10.22 15.27
CA PRO A 251 -0.87 10.70 15.23
C PRO A 251 -1.89 9.72 15.77
N LEU A 252 -1.76 8.43 15.47
CA LEU A 252 -2.70 7.45 15.98
C LEU A 252 -2.51 7.16 17.46
N GLY A 253 -1.49 7.73 18.09
CA GLY A 253 -1.37 7.70 19.55
C GLY A 253 -1.07 6.35 20.16
N ARG A 254 -0.46 5.44 19.40
CA ARG A 254 -0.13 4.12 19.92
C ARG A 254 0.93 3.49 19.04
N ILE A 255 1.59 2.47 19.59
CA ILE A 255 2.49 1.65 18.79
C ILE A 255 1.67 0.64 17.99
N GLY A 256 2.25 0.19 16.87
CA GLY A 256 1.55 -0.73 16.00
C GLY A 256 1.69 -2.17 16.45
N GLU A 257 0.81 -3.00 15.91
CA GLU A 257 0.80 -4.43 16.14
C GLU A 257 1.46 -5.14 14.96
N PRO A 258 1.99 -6.36 15.17
CA PRO A 258 2.65 -7.06 14.06
C PRO A 258 1.74 -7.29 12.87
N GLU A 259 0.48 -7.68 13.09
CA GLU A 259 -0.41 -7.95 11.97
C GLU A 259 -0.79 -6.70 11.18
N GLU A 260 -0.53 -5.50 11.72
CA GLU A 260 -0.72 -4.30 10.94
C GLU A 260 0.39 -4.11 9.90
N VAL A 261 1.53 -4.76 10.11
CA VAL A 261 2.58 -4.80 9.09
C VAL A 261 2.38 -5.97 8.13
N ALA A 262 1.94 -7.11 8.66
CA ALA A 262 1.78 -8.31 7.83
C ALA A 262 0.69 -8.14 6.78
N ALA A 263 -0.32 -7.30 7.06
CA ALA A 263 -1.45 -7.16 6.15
C ALA A 263 -1.03 -6.55 4.82
N ILE A 264 -0.37 -5.38 4.87
CA ILE A 264 0.08 -4.73 3.64
C ILE A 264 1.15 -5.57 2.95
N THR A 265 2.02 -6.22 3.72
CA THR A 265 3.03 -7.09 3.15
C THR A 265 2.38 -8.16 2.27
N VAL A 266 1.33 -8.79 2.78
CA VAL A 266 0.65 -9.85 2.03
C VAL A 266 -0.06 -9.28 0.80
N PHE A 267 -0.70 -8.12 0.95
CA PHE A 267 -1.39 -7.51 -0.18
C PHE A 267 -0.43 -7.24 -1.34
N LEU A 268 0.77 -6.76 -1.04
CA LEU A 268 1.74 -6.47 -2.10
C LEU A 268 2.14 -7.72 -2.87
N CYS A 269 1.90 -8.91 -2.32
CA CYS A 269 2.19 -10.16 -3.01
C CYS A 269 1.01 -10.70 -3.78
N MET A 270 -0.20 -10.16 -3.56
CA MET A 270 -1.37 -10.62 -4.28
C MET A 270 -1.37 -10.09 -5.70
N PRO A 271 -2.06 -10.78 -6.62
CA PRO A 271 -2.21 -10.24 -7.98
C PRO A 271 -2.92 -8.90 -8.02
N ALA A 272 -3.64 -8.52 -6.95
CA ALA A 272 -4.30 -7.24 -6.92
C ALA A 272 -3.30 -6.08 -6.92
N ALA A 273 -2.07 -6.32 -6.46
CA ALA A 273 -1.03 -5.32 -6.47
C ALA A 273 -0.18 -5.37 -7.75
N SER A 274 -0.72 -5.92 -8.84
CA SER A 274 0.05 -6.19 -10.04
C SER A 274 0.63 -4.94 -10.70
N TYR A 275 0.18 -3.75 -10.34
CA TYR A 275 0.74 -2.52 -10.91
C TYR A 275 1.54 -1.72 -9.89
N ILE A 276 1.83 -2.29 -8.73
CA ILE A 276 2.59 -1.64 -7.68
C ILE A 276 3.96 -2.28 -7.60
N THR A 277 5.00 -1.53 -7.96
CA THR A 277 6.35 -2.04 -7.85
C THR A 277 7.31 -0.87 -7.64
N GLY A 278 8.35 -1.13 -6.85
CA GLY A 278 9.37 -0.14 -6.58
C GLY A 278 9.05 0.84 -5.48
N GLN A 279 8.01 0.58 -4.68
CA GLN A 279 7.48 1.56 -3.75
C GLN A 279 7.91 1.26 -2.31
N VAL A 280 8.08 2.32 -1.54
CA VAL A 280 8.36 2.25 -0.11
C VAL A 280 7.14 2.75 0.62
N ILE A 281 6.41 1.83 1.27
CA ILE A 281 5.17 2.16 1.96
C ILE A 281 5.45 2.22 3.46
N CYS A 282 5.21 3.37 4.07
N CYS A 282 5.14 3.36 4.07
CA CYS A 282 5.44 3.53 5.49
CA CYS A 282 5.38 3.58 5.49
C CYS A 282 4.21 3.07 6.28
C CYS A 282 4.18 3.08 6.28
N VAL A 283 4.45 2.20 7.26
CA VAL A 283 3.40 1.68 8.13
C VAL A 283 3.70 2.16 9.54
N ASP A 284 3.44 3.44 9.82
CA ASP A 284 3.92 4.08 11.04
C ASP A 284 2.85 4.90 11.77
N GLY A 285 1.58 4.77 11.40
CA GLY A 285 0.56 5.58 12.02
C GLY A 285 0.72 7.07 11.83
N GLY A 286 1.43 7.49 10.78
CA GLY A 286 1.65 8.89 10.52
C GLY A 286 2.86 9.49 11.20
N ARG A 287 3.78 8.65 11.69
CA ARG A 287 4.94 9.15 12.44
C ARG A 287 5.77 10.11 11.61
N THR A 288 6.23 9.67 10.44
CA THR A 288 7.21 10.43 9.68
C THR A 288 6.63 11.68 9.03
N ILE A 289 5.32 11.74 8.81
CA ILE A 289 4.69 12.89 8.19
C ILE A 289 4.13 13.87 9.22
N ASN A 290 4.38 13.63 10.50
CA ASN A 290 3.84 14.46 11.57
C ASN A 290 4.86 15.50 11.98
N GLY A 291 4.43 16.76 12.07
CA GLY A 291 5.30 17.85 12.44
C GLY A 291 5.71 17.81 13.91
N MET B 35 -8.51 -8.51 16.04
CA MET B 35 -9.44 -9.10 15.10
C MET B 35 -8.81 -10.22 14.30
N SER B 36 -9.65 -11.14 13.81
CA SER B 36 -9.19 -12.27 13.03
C SER B 36 -8.82 -11.82 11.62
N LEU B 37 -8.36 -12.78 10.81
CA LEU B 37 -8.02 -12.48 9.42
C LEU B 37 -9.26 -12.10 8.62
N GLU B 38 -10.38 -12.82 8.84
CA GLU B 38 -11.58 -12.58 8.06
C GLU B 38 -12.17 -11.20 8.35
N LYS B 39 -12.14 -10.77 9.60
CA LYS B 39 -12.70 -9.46 9.94
C LYS B 39 -11.81 -8.31 9.51
N ARG B 40 -10.48 -8.49 9.53
CA ARG B 40 -9.58 -7.41 9.17
C ARG B 40 -9.61 -7.12 7.67
N TRP B 41 -9.85 -8.12 6.84
CA TRP B 41 -9.90 -7.96 5.39
C TRP B 41 -11.35 -7.88 4.89
N SER B 42 -12.19 -7.09 5.53
CA SER B 42 -13.60 -7.04 5.19
C SER B 42 -14.12 -5.61 5.27
N LEU B 43 -15.06 -5.29 4.38
CA LEU B 43 -15.80 -4.04 4.43
C LEU B 43 -17.28 -4.27 4.69
N LYS B 44 -17.62 -5.42 5.26
CA LYS B 44 -19.02 -5.73 5.54
C LYS B 44 -19.54 -4.82 6.64
N GLY B 45 -20.71 -4.24 6.44
CA GLY B 45 -21.29 -3.31 7.38
C GLY B 45 -20.85 -1.87 7.21
N THR B 46 -20.01 -1.58 6.22
CA THR B 46 -19.48 -0.24 6.01
C THR B 46 -20.31 0.51 4.97
N THR B 47 -20.13 1.83 4.95
CA THR B 47 -20.79 2.71 4.00
C THR B 47 -19.73 3.60 3.36
N ALA B 48 -19.85 3.82 2.05
CA ALA B 48 -18.81 4.51 1.30
C ALA B 48 -19.43 5.49 0.32
N LEU B 49 -18.61 6.47 -0.10
CA LEU B 49 -18.97 7.46 -1.10
C LEU B 49 -17.83 7.57 -2.10
N VAL B 50 -18.12 7.34 -3.37
CA VAL B 50 -17.15 7.49 -4.46
C VAL B 50 -17.67 8.55 -5.41
N THR B 51 -16.88 9.60 -5.62
CA THR B 51 -17.26 10.65 -6.56
C THR B 51 -16.77 10.28 -7.95
N GLY B 52 -17.70 10.18 -8.90
CA GLY B 52 -17.37 9.84 -10.26
C GLY B 52 -17.18 8.35 -10.49
N GLY B 53 -18.19 7.56 -10.13
CA GLY B 53 -18.06 6.12 -10.22
C GLY B 53 -18.76 5.48 -11.40
N THR B 54 -19.04 6.27 -12.44
CA THR B 54 -19.72 5.72 -13.62
C THR B 54 -18.74 5.23 -14.69
N LYS B 55 -17.49 5.69 -14.66
CA LYS B 55 -16.51 5.29 -15.67
C LYS B 55 -15.17 5.01 -15.00
N GLY B 56 -14.34 4.26 -15.72
CA GLY B 56 -12.92 4.16 -15.42
C GLY B 56 -12.61 3.73 -14.00
N ILE B 57 -11.65 4.43 -13.39
CA ILE B 57 -11.13 4.06 -12.07
C ILE B 57 -12.24 4.09 -11.03
N GLY B 58 -13.05 5.14 -11.03
CA GLY B 58 -14.13 5.24 -10.07
C GLY B 58 -15.13 4.11 -10.19
N HIS B 59 -15.41 3.68 -11.42
CA HIS B 59 -16.30 2.54 -11.61
C HIS B 59 -15.69 1.27 -11.02
N ALA B 60 -14.38 1.08 -11.19
CA ALA B 60 -13.73 -0.08 -10.59
C ALA B 60 -13.76 -0.02 -9.07
N ILE B 61 -13.65 1.18 -8.51
CA ILE B 61 -13.66 1.32 -7.05
C ILE B 61 -15.02 0.96 -6.48
N VAL B 62 -16.10 1.38 -7.14
CA VAL B 62 -17.44 1.08 -6.66
C VAL B 62 -17.65 -0.44 -6.59
N GLU B 63 -17.42 -1.13 -7.72
CA GLU B 63 -17.61 -2.58 -7.75
C GLU B 63 -16.66 -3.29 -6.79
N GLU B 64 -15.45 -2.74 -6.59
CA GLU B 64 -14.51 -3.35 -5.66
C GLU B 64 -14.97 -3.18 -4.22
N LEU B 65 -15.53 -2.01 -3.88
CA LEU B 65 -16.06 -1.79 -2.54
C LEU B 65 -17.25 -2.71 -2.26
N ALA B 66 -18.18 -2.78 -3.21
CA ALA B 66 -19.37 -3.61 -3.00
C ALA B 66 -19.02 -5.09 -2.97
N GLY B 67 -17.98 -5.50 -3.71
CA GLY B 67 -17.56 -6.89 -3.68
C GLY B 67 -17.10 -7.35 -2.31
N PHE B 68 -16.64 -6.42 -1.48
CA PHE B 68 -16.25 -6.72 -0.10
C PHE B 68 -17.35 -6.41 0.91
N GLY B 69 -18.56 -6.13 0.45
CA GLY B 69 -19.71 -6.00 1.31
C GLY B 69 -20.12 -4.59 1.69
N ALA B 70 -19.53 -3.57 1.07
CA ALA B 70 -19.81 -2.18 1.43
C ALA B 70 -21.04 -1.65 0.73
N ARG B 71 -21.84 -0.87 1.46
CA ARG B 71 -22.92 -0.11 0.85
C ARG B 71 -22.34 1.16 0.25
N VAL B 72 -22.50 1.34 -1.06
CA VAL B 72 -21.82 2.39 -1.80
C VAL B 72 -22.82 3.44 -2.26
N TYR B 73 -22.36 4.68 -2.32
CA TYR B 73 -23.09 5.80 -2.92
C TYR B 73 -22.14 6.49 -3.89
N THR B 74 -22.60 6.74 -5.11
CA THR B 74 -21.74 7.33 -6.13
C THR B 74 -22.50 8.43 -6.86
N CYS B 75 -21.81 9.10 -7.79
CA CYS B 75 -22.39 10.23 -8.50
C CYS B 75 -21.65 10.46 -9.79
N SER B 76 -22.26 11.27 -10.66
CA SER B 76 -21.66 11.77 -11.90
C SER B 76 -22.56 12.89 -12.41
N ARG B 77 -22.16 13.49 -13.53
CA ARG B 77 -22.90 14.59 -14.13
C ARG B 77 -23.90 14.13 -15.17
N ASN B 78 -23.95 12.84 -15.49
CA ASN B 78 -24.79 12.32 -16.56
C ASN B 78 -25.85 11.41 -15.93
N GLU B 79 -27.11 11.85 -15.99
CA GLU B 79 -28.19 11.10 -15.32
C GLU B 79 -28.40 9.74 -15.96
N ALA B 80 -28.47 9.69 -17.28
CA ALA B 80 -28.74 8.43 -17.97
C ALA B 80 -27.65 7.40 -17.69
N GLU B 81 -26.38 7.83 -17.72
CA GLU B 81 -25.28 6.90 -17.47
C GLU B 81 -25.29 6.39 -16.03
N LEU B 82 -25.56 7.27 -15.07
CA LEU B 82 -25.61 6.84 -13.68
C LEU B 82 -26.74 5.86 -13.43
N THR B 83 -27.91 6.11 -14.04
CA THR B 83 -29.04 5.21 -13.88
C THR B 83 -28.73 3.81 -14.42
N LYS B 84 -28.06 3.74 -15.57
CA LYS B 84 -27.69 2.44 -16.11
C LYS B 84 -26.70 1.73 -15.20
N CYS B 85 -25.74 2.46 -14.63
CA CYS B 85 -24.79 1.86 -13.71
C CYS B 85 -25.49 1.32 -12.48
N LEU B 86 -26.42 2.10 -11.90
CA LEU B 86 -27.17 1.64 -10.74
C LEU B 86 -27.97 0.39 -11.07
N GLN B 87 -28.59 0.35 -12.27
CA GLN B 87 -29.31 -0.84 -12.69
C GLN B 87 -28.38 -2.04 -12.81
N GLU B 88 -27.20 -1.85 -13.40
CA GLU B 88 -26.25 -2.95 -13.52
C GLU B 88 -25.78 -3.44 -12.17
N TRP B 89 -25.52 -2.51 -11.24
CA TRP B 89 -25.00 -2.89 -9.93
C TRP B 89 -26.04 -3.62 -9.10
N GLU B 90 -27.31 -3.21 -9.21
CA GLU B 90 -28.37 -3.93 -8.51
C GLU B 90 -28.50 -5.36 -9.04
N ASN B 91 -28.38 -5.53 -10.35
CA ASN B 91 -28.47 -6.88 -10.93
C ASN B 91 -27.31 -7.75 -10.48
N LEU B 92 -26.15 -7.16 -10.21
CA LEU B 92 -25.03 -7.86 -9.60
C LEU B 92 -25.16 -7.99 -8.08
N ASN B 93 -26.33 -7.63 -7.54
CA ASN B 93 -26.65 -7.77 -6.12
C ASN B 93 -25.80 -6.87 -5.22
N PHE B 94 -25.34 -5.74 -5.73
CA PHE B 94 -24.68 -4.73 -4.93
C PHE B 94 -25.71 -3.73 -4.43
N ASP B 95 -25.46 -3.19 -3.23
CA ASP B 95 -26.30 -2.12 -2.68
C ASP B 95 -25.59 -0.81 -2.97
N VAL B 96 -25.84 -0.26 -4.16
CA VAL B 96 -25.25 1.00 -4.59
C VAL B 96 -26.37 1.97 -4.93
N ALA B 97 -26.31 3.18 -4.38
CA ALA B 97 -27.23 4.26 -4.70
C ALA B 97 -26.43 5.40 -5.33
N GLY B 98 -27.17 6.33 -5.94
CA GLY B 98 -26.50 7.44 -6.62
C GLY B 98 -27.44 8.58 -6.89
N SER B 99 -26.84 9.72 -7.24
CA SER B 99 -27.58 10.90 -7.65
C SER B 99 -26.66 11.79 -8.47
N VAL B 100 -27.25 12.61 -9.32
CA VAL B 100 -26.48 13.49 -10.19
C VAL B 100 -25.86 14.60 -9.35
N CYS B 101 -24.57 14.87 -9.58
CA CYS B 101 -23.87 15.90 -8.85
C CYS B 101 -22.63 16.31 -9.63
N ASP B 102 -22.42 17.62 -9.73
CA ASP B 102 -21.20 18.21 -10.28
C ASP B 102 -20.35 18.65 -9.09
N ILE B 103 -19.32 17.87 -8.77
CA ILE B 103 -18.50 18.14 -7.58
C ILE B 103 -17.77 19.47 -7.65
N ALA B 104 -17.67 20.08 -8.83
CA ALA B 104 -17.09 21.42 -8.94
C ALA B 104 -18.03 22.52 -8.46
N SER B 105 -19.23 22.17 -8.00
CA SER B 105 -20.21 23.13 -7.53
C SER B 105 -20.34 22.98 -6.01
N ARG B 106 -20.14 24.09 -5.29
CA ARG B 106 -20.27 24.06 -3.84
C ARG B 106 -21.68 23.70 -3.41
N THR B 107 -22.69 24.29 -4.06
CA THR B 107 -24.08 23.97 -3.72
C THR B 107 -24.38 22.49 -3.96
N GLU B 108 -23.89 21.94 -5.07
CA GLU B 108 -24.16 20.54 -5.38
C GLU B 108 -23.38 19.60 -4.47
N ARG B 109 -22.18 20.02 -4.02
CA ARG B 109 -21.46 19.22 -3.03
C ARG B 109 -22.24 19.15 -1.72
N GLU B 110 -22.87 20.26 -1.32
CA GLU B 110 -23.65 20.26 -0.09
C GLU B 110 -24.91 19.41 -0.22
N GLU B 111 -25.61 19.53 -1.36
CA GLU B 111 -26.78 18.68 -1.58
C GLU B 111 -26.39 17.21 -1.67
N LEU B 112 -25.23 16.92 -2.27
CA LEU B 112 -24.75 15.53 -2.31
C LEU B 112 -24.57 14.97 -0.92
N MET B 113 -23.79 15.67 -0.08
CA MET B 113 -23.55 15.21 1.29
C MET B 113 -24.81 15.20 2.13
N GLU B 114 -25.84 15.97 1.74
CA GLU B 114 -27.11 15.91 2.43
C GLU B 114 -27.84 14.61 2.12
N ARG B 115 -27.79 14.16 0.87
CA ARG B 115 -28.43 12.91 0.50
C ARG B 115 -27.69 11.71 1.08
N VAL B 116 -26.35 11.78 1.09
CA VAL B 116 -25.56 10.70 1.68
C VAL B 116 -25.90 10.53 3.16
N SER B 117 -26.18 11.64 3.85
CA SER B 117 -26.48 11.56 5.27
C SER B 117 -27.79 10.84 5.53
N SER B 118 -28.84 11.14 4.74
CA SER B 118 -30.13 10.50 4.95
C SER B 118 -30.09 9.04 4.53
N VAL B 119 -29.41 8.72 3.42
CA VAL B 119 -29.35 7.34 2.95
C VAL B 119 -28.65 6.45 3.97
N PHE B 120 -27.50 6.91 4.48
CA PHE B 120 -26.71 6.14 5.42
C PHE B 120 -27.00 6.50 6.88
N ASN B 121 -28.02 7.32 7.13
CA ASN B 121 -28.39 7.75 8.49
C ASN B 121 -27.23 8.44 9.20
N GLY B 122 -26.52 9.31 8.48
CA GLY B 122 -25.44 10.07 9.08
C GLY B 122 -24.21 9.27 9.46
N ASN B 123 -24.05 8.07 8.91
CA ASN B 123 -22.97 7.16 9.28
C ASN B 123 -22.20 6.80 8.00
N LEU B 124 -21.01 7.39 7.83
CA LEU B 124 -20.20 7.19 6.63
C LEU B 124 -18.82 6.70 7.04
N ASN B 125 -18.43 5.52 6.56
CA ASN B 125 -17.12 4.98 6.89
C ASN B 125 -16.05 5.49 5.94
N ILE B 126 -16.37 5.59 4.66
CA ILE B 126 -15.36 5.71 3.60
C ILE B 126 -15.71 6.89 2.70
N LEU B 127 -14.68 7.66 2.31
CA LEU B 127 -14.81 8.73 1.35
C LEU B 127 -13.70 8.58 0.33
N ILE B 128 -14.06 8.34 -0.93
CA ILE B 128 -13.11 8.21 -2.03
C ILE B 128 -13.29 9.42 -2.94
N ASN B 129 -12.27 10.27 -3.00
CA ASN B 129 -12.27 11.44 -3.89
C ASN B 129 -11.62 11.03 -5.20
N ASN B 130 -12.42 10.49 -6.12
CA ASN B 130 -11.91 9.98 -7.39
C ASN B 130 -12.08 10.94 -8.55
N ALA B 131 -13.28 11.52 -8.70
CA ALA B 131 -13.55 12.38 -9.85
C ALA B 131 -12.60 13.57 -9.88
N GLY B 132 -12.10 13.88 -11.08
CA GLY B 132 -11.20 15.01 -11.26
C GLY B 132 -11.24 15.58 -12.66
N GLY B 133 -10.35 16.52 -12.95
CA GLY B 133 -10.28 17.13 -14.25
C GLY B 133 -8.85 17.18 -14.76
N TYR B 134 -8.72 17.41 -16.07
CA TYR B 134 -7.43 17.30 -16.73
C TYR B 134 -7.32 18.32 -17.85
N VAL B 135 -6.15 18.95 -17.94
CA VAL B 135 -5.80 19.85 -19.05
C VAL B 135 -4.35 19.59 -19.42
N ASN B 136 -4.09 19.39 -20.71
CA ASN B 136 -2.74 19.16 -21.22
C ASN B 136 -2.37 20.33 -22.12
N LYS B 137 -1.61 21.27 -21.56
CA LYS B 137 -1.14 22.43 -22.28
C LYS B 137 0.22 22.83 -21.72
N PRO B 138 1.12 23.36 -22.54
CA PRO B 138 2.35 23.95 -21.99
C PRO B 138 2.02 25.08 -21.03
N ILE B 139 3.00 25.40 -20.18
CA ILE B 139 2.79 26.41 -19.15
C ILE B 139 2.38 27.75 -19.76
N ASP B 140 2.94 28.09 -20.92
CA ASP B 140 2.61 29.34 -21.58
C ASP B 140 1.16 29.39 -22.04
N ASP B 141 0.51 28.24 -22.21
CA ASP B 141 -0.83 28.18 -22.79
C ASP B 141 -1.94 27.98 -21.76
N VAL B 142 -1.60 27.71 -20.50
CA VAL B 142 -2.63 27.52 -19.48
C VAL B 142 -3.35 28.83 -19.22
N THR B 143 -4.66 28.84 -19.43
CA THR B 143 -5.46 30.04 -19.26
C THR B 143 -5.97 30.15 -17.82
N ALA B 144 -6.40 31.37 -17.47
CA ALA B 144 -6.98 31.58 -16.15
C ALA B 144 -8.17 30.67 -15.90
N GLU B 145 -8.93 30.35 -16.94
CA GLU B 145 -10.05 29.43 -16.80
C GLU B 145 -9.57 28.00 -16.64
N ASP B 146 -8.47 27.64 -17.31
CA ASP B 146 -7.85 26.34 -17.08
C ASP B 146 -7.41 26.22 -15.62
N PHE B 147 -6.78 27.26 -15.08
CA PHE B 147 -6.35 27.25 -13.70
C PHE B 147 -7.52 27.02 -12.75
N SER B 148 -8.54 27.88 -12.82
CA SER B 148 -9.66 27.78 -11.88
C SER B 148 -10.43 26.48 -12.04
N PHE B 149 -10.52 25.94 -13.25
CA PHE B 149 -11.20 24.67 -13.44
C PHE B 149 -10.45 23.54 -12.75
N LEU B 150 -9.13 23.45 -12.97
CA LEU B 150 -8.34 22.40 -12.35
C LEU B 150 -8.35 22.52 -10.84
N VAL B 151 -8.27 23.75 -10.31
CA VAL B 151 -8.29 23.95 -8.87
C VAL B 151 -9.63 23.54 -8.29
N ALA B 152 -10.73 23.88 -8.98
CA ALA B 152 -12.06 23.61 -8.43
C ALA B 152 -12.35 22.11 -8.38
N VAL B 153 -12.02 21.40 -9.45
CA VAL B 153 -12.42 19.99 -9.53
C VAL B 153 -11.43 19.08 -8.82
N ASN B 154 -10.14 19.38 -8.89
CA ASN B 154 -9.13 18.49 -8.31
C ASN B 154 -8.83 18.80 -6.86
N LEU B 155 -8.94 20.06 -6.43
CA LEU B 155 -8.50 20.45 -5.10
C LEU B 155 -9.65 20.91 -4.21
N GLU B 156 -10.42 21.91 -4.62
CA GLU B 156 -11.44 22.46 -3.73
C GLU B 156 -12.55 21.45 -3.46
N SER B 157 -12.93 20.68 -4.47
CA SER B 157 -13.97 19.67 -4.29
C SER B 157 -13.57 18.66 -3.22
N ALA B 158 -12.36 18.11 -3.33
CA ALA B 158 -11.91 17.12 -2.35
C ALA B 158 -11.82 17.73 -0.95
N PHE B 159 -11.28 18.96 -0.85
CA PHE B 159 -11.14 19.60 0.44
C PHE B 159 -12.50 19.83 1.09
N HIS B 160 -13.45 20.40 0.32
CA HIS B 160 -14.78 20.67 0.87
C HIS B 160 -15.50 19.38 1.22
N LEU B 161 -15.44 18.38 0.34
CA LEU B 161 -16.11 17.12 0.62
C LEU B 161 -15.58 16.47 1.89
N CYS B 162 -14.27 16.57 2.14
CA CYS B 162 -13.71 16.09 3.40
C CYS B 162 -14.31 16.84 4.58
N GLN B 163 -14.47 18.16 4.46
CA GLN B 163 -15.10 18.94 5.52
C GLN B 163 -16.53 18.47 5.77
N LEU B 164 -17.32 18.33 4.71
CA LEU B 164 -18.71 17.93 4.86
C LEU B 164 -18.83 16.49 5.36
N ALA B 165 -17.84 15.65 5.06
CA ALA B 165 -17.87 14.26 5.49
C ALA B 165 -17.37 14.05 6.91
N HIS B 166 -16.63 15.01 7.46
CA HIS B 166 -16.00 14.86 8.78
C HIS B 166 -16.98 14.44 9.87
N PRO B 167 -18.13 15.08 10.05
CA PRO B 167 -19.05 14.61 11.11
C PRO B 167 -19.53 13.18 10.90
N MET B 168 -19.74 12.79 9.63
CA MET B 168 -20.22 11.43 9.35
C MET B 168 -19.12 10.40 9.52
N LEU B 169 -17.89 10.73 9.11
CA LEU B 169 -16.77 9.83 9.32
C LEU B 169 -16.51 9.63 10.80
N LYS B 170 -16.56 10.70 11.58
CA LYS B 170 -16.39 10.58 13.03
C LYS B 170 -17.53 9.77 13.65
N ALA B 171 -18.74 9.91 13.11
CA ALA B 171 -19.88 9.17 13.64
C ALA B 171 -19.75 7.67 13.37
N SER B 172 -19.14 7.29 12.26
CA SER B 172 -19.02 5.87 11.93
C SER B 172 -18.16 5.11 12.94
N GLY B 173 -17.26 5.79 13.63
CA GLY B 173 -16.34 5.14 14.55
C GLY B 173 -15.09 4.59 13.90
N ARG B 174 -15.06 4.47 12.57
CA ARG B 174 -13.88 3.97 11.87
C ARG B 174 -13.93 4.56 10.46
N GLY B 175 -13.20 5.66 10.26
CA GLY B 175 -13.25 6.42 9.03
C GLY B 175 -12.00 6.26 8.19
N SER B 176 -12.16 6.36 6.88
CA SER B 176 -11.04 6.19 5.95
C SER B 176 -11.28 7.08 4.74
N ILE B 177 -10.39 8.03 4.52
CA ILE B 177 -10.41 8.90 3.35
C ILE B 177 -9.30 8.47 2.41
N VAL B 178 -9.63 8.38 1.12
CA VAL B 178 -8.65 8.05 0.10
C VAL B 178 -8.83 9.02 -1.06
N HIS B 179 -7.78 9.80 -1.34
CA HIS B 179 -7.76 10.64 -2.53
C HIS B 179 -7.09 9.87 -3.65
N VAL B 180 -7.54 10.16 -4.88
CA VAL B 180 -6.89 9.65 -6.08
C VAL B 180 -6.13 10.81 -6.69
N SER B 181 -4.82 10.78 -6.57
CA SER B 181 -3.95 11.85 -7.04
C SER B 181 -3.34 11.42 -8.38
N SER B 182 -2.02 11.50 -8.58
CA SER B 182 -1.38 11.08 -9.81
C SER B 182 0.11 10.93 -9.52
N CYS B 183 0.73 9.94 -10.16
CA CYS B 183 2.17 9.77 -10.01
C CYS B 183 2.96 10.95 -10.55
N CYS B 184 2.38 11.71 -11.49
CA CYS B 184 3.02 12.89 -12.05
C CYS B 184 3.02 14.08 -11.10
N ALA B 185 2.55 13.92 -9.87
CA ALA B 185 2.74 14.93 -8.83
C ALA B 185 4.12 14.84 -8.19
N GLN B 186 4.96 13.90 -8.63
CA GLN B 186 6.35 13.78 -8.17
C GLN B 186 7.37 14.01 -9.28
N ILE B 187 6.95 14.00 -10.54
CA ILE B 187 7.83 14.22 -11.67
C ILE B 187 7.15 15.20 -12.63
N ALA B 188 7.88 15.58 -13.67
CA ALA B 188 7.41 16.56 -14.63
C ALA B 188 7.10 15.85 -15.94
N LEU B 189 5.83 15.79 -16.30
CA LEU B 189 5.43 15.33 -17.62
C LEU B 189 5.04 16.52 -18.49
N PRO B 190 5.31 16.47 -19.79
CA PRO B 190 4.97 17.59 -20.66
C PRO B 190 3.47 17.91 -20.64
N GLY B 191 3.16 19.19 -20.45
CA GLY B 191 1.78 19.63 -20.48
C GLY B 191 0.97 19.33 -19.24
N HIS B 192 1.60 18.88 -18.15
CA HIS B 192 0.89 18.47 -16.95
C HIS B 192 1.00 19.49 -15.81
N SER B 193 1.53 20.69 -16.08
CA SER B 193 1.98 21.58 -15.02
C SER B 193 0.89 21.85 -13.99
N MET B 194 -0.22 22.46 -14.41
CA MET B 194 -1.25 22.83 -13.45
C MET B 194 -1.98 21.60 -12.92
N TYR B 195 -2.21 20.60 -13.78
CA TYR B 195 -2.83 19.36 -13.31
C TYR B 195 -1.99 18.72 -12.21
N SER B 196 -0.68 18.60 -12.43
CA SER B 196 0.20 18.02 -11.43
C SER B 196 0.32 18.91 -10.20
N ALA B 197 0.18 20.22 -10.37
CA ALA B 197 0.24 21.13 -9.23
C ALA B 197 -0.92 20.92 -8.28
N THR B 198 -2.13 20.80 -8.83
CA THR B 198 -3.29 20.53 -7.98
C THR B 198 -3.19 19.16 -7.33
N LYS B 199 -2.69 18.16 -8.07
CA LYS B 199 -2.51 16.84 -7.48
C LYS B 199 -1.43 16.86 -6.40
N GLY B 200 -0.39 17.66 -6.60
CA GLY B 200 0.60 17.83 -5.55
C GLY B 200 0.02 18.46 -4.30
N ALA B 201 -0.94 19.36 -4.47
CA ALA B 201 -1.64 19.92 -3.31
C ALA B 201 -2.45 18.84 -2.59
N ILE B 202 -3.06 17.94 -3.36
CA ILE B 202 -3.78 16.81 -2.77
C ILE B 202 -2.84 15.96 -1.92
N ASN B 203 -1.62 15.73 -2.40
CA ASN B 203 -0.66 14.91 -1.67
C ASN B 203 -0.37 15.52 -0.29
N GLN B 204 -0.19 16.83 -0.23
CA GLN B 204 0.08 17.46 1.06
C GLN B 204 -1.14 17.44 1.96
N LEU B 205 -2.32 17.73 1.39
CA LEU B 205 -3.56 17.70 2.15
C LEU B 205 -3.76 16.35 2.83
N THR B 206 -3.28 15.27 2.19
CA THR B 206 -3.35 13.95 2.80
C THR B 206 -2.65 13.92 4.15
N ARG B 207 -1.46 14.55 4.23
CA ARG B 207 -0.71 14.54 5.48
C ARG B 207 -1.42 15.36 6.56
N ASN B 208 -2.03 16.49 6.20
CA ASN B 208 -2.74 17.30 7.18
C ASN B 208 -3.99 16.57 7.69
N LEU B 209 -4.77 15.99 6.78
CA LEU B 209 -5.97 15.26 7.18
C LEU B 209 -5.63 14.11 8.11
N ALA B 210 -4.55 13.38 7.80
CA ALA B 210 -4.18 12.24 8.64
C ALA B 210 -3.84 12.68 10.06
N CYS B 211 -3.18 13.83 10.20
CA CYS B 211 -2.74 14.26 11.52
C CYS B 211 -3.85 14.95 12.31
N GLU B 212 -4.65 15.80 11.65
CA GLU B 212 -5.67 16.56 12.37
C GLU B 212 -6.83 15.67 12.83
N TRP B 213 -7.19 14.66 12.04
CA TRP B 213 -8.38 13.86 12.31
C TRP B 213 -8.05 12.47 12.85
N ALA B 214 -6.79 12.20 13.17
CA ALA B 214 -6.45 10.93 13.81
C ALA B 214 -7.16 10.77 15.14
N LYS B 215 -7.46 11.88 15.82
CA LYS B 215 -8.21 11.82 17.07
C LYS B 215 -9.63 11.31 16.87
N ASP B 216 -10.19 11.46 15.68
CA ASP B 216 -11.53 11.00 15.37
C ASP B 216 -11.56 9.59 14.80
N ASN B 217 -10.44 8.85 14.90
CA ASN B 217 -10.32 7.52 14.32
C ASN B 217 -10.56 7.52 12.81
N ILE B 218 -10.03 8.54 12.14
CA ILE B 218 -10.11 8.66 10.69
C ILE B 218 -8.70 8.62 10.14
N ARG B 219 -8.47 7.75 9.15
CA ARG B 219 -7.22 7.70 8.42
C ARG B 219 -7.42 8.31 7.04
N THR B 220 -6.37 8.93 6.52
CA THR B 220 -6.39 9.51 5.19
C THR B 220 -5.13 9.10 4.44
N ASN B 221 -5.32 8.54 3.24
CA ASN B 221 -4.21 8.15 2.39
C ASN B 221 -4.53 8.56 0.96
N THR B 222 -3.57 8.34 0.06
CA THR B 222 -3.70 8.77 -1.32
C THR B 222 -3.11 7.69 -2.23
N VAL B 223 -3.84 7.36 -3.29
CA VAL B 223 -3.35 6.49 -4.35
C VAL B 223 -3.01 7.37 -5.55
N ALA B 224 -1.76 7.29 -6.02
CA ALA B 224 -1.28 8.12 -7.12
C ALA B 224 -1.04 7.24 -8.34
N PRO B 225 -1.99 7.16 -9.28
CA PRO B 225 -1.85 6.24 -10.40
C PRO B 225 -0.94 6.80 -11.50
N GLY B 226 -0.38 5.88 -12.28
CA GLY B 226 0.24 6.20 -13.55
C GLY B 226 -0.80 6.20 -14.65
N ALA B 227 -0.35 5.92 -15.87
CA ALA B 227 -1.26 5.85 -17.00
C ALA B 227 -2.17 4.64 -16.84
N ILE B 228 -3.48 4.88 -16.80
CA ILE B 228 -4.48 3.83 -16.62
C ILE B 228 -5.46 3.88 -17.78
N ARG B 229 -5.91 2.70 -18.22
CA ARG B 229 -6.88 2.60 -19.30
C ARG B 229 -8.26 3.00 -18.78
N THR B 230 -8.65 4.25 -19.01
CA THR B 230 -9.96 4.76 -18.64
C THR B 230 -10.52 5.50 -19.84
N PRO B 231 -11.84 5.78 -19.84
CA PRO B 231 -12.40 6.60 -20.93
C PRO B 231 -11.71 7.95 -21.08
N SER B 232 -11.19 8.53 -19.99
N SER B 232 -11.22 8.53 -19.98
CA SER B 232 -10.52 9.82 -20.10
CA SER B 232 -10.51 9.80 -20.07
C SER B 232 -9.17 9.69 -20.80
C SER B 232 -9.20 9.65 -20.84
N SER B 233 -8.46 8.57 -20.58
CA SER B 233 -7.16 8.36 -21.20
C SER B 233 -7.27 7.77 -22.61
N GLU B 234 -8.48 7.52 -23.10
CA GLU B 234 -8.68 6.92 -24.42
C GLU B 234 -7.94 7.64 -25.55
N PRO B 235 -7.99 8.97 -25.68
CA PRO B 235 -7.20 9.62 -26.72
C PRO B 235 -5.71 9.35 -26.60
N PHE B 236 -5.20 9.19 -25.38
CA PHE B 236 -3.80 8.84 -25.20
C PHE B 236 -3.53 7.38 -25.57
N VAL B 237 -4.49 6.49 -25.32
CA VAL B 237 -4.28 5.08 -25.59
C VAL B 237 -4.38 4.76 -27.08
N ASN B 238 -5.17 5.54 -27.84
CA ASN B 238 -5.31 5.30 -29.27
C ASN B 238 -4.26 6.02 -30.11
N ASP B 239 -3.32 6.72 -29.48
CA ASP B 239 -2.16 7.29 -30.16
C ASP B 239 -1.02 6.30 -29.98
N LYS B 240 -0.83 5.42 -30.98
CA LYS B 240 0.17 4.36 -30.84
C LYS B 240 1.56 4.90 -30.54
N ASP B 241 1.90 6.08 -31.09
CA ASP B 241 3.19 6.67 -30.79
C ASP B 241 3.26 7.15 -29.34
N ALA B 242 2.21 7.81 -28.86
CA ALA B 242 2.20 8.30 -27.48
C ALA B 242 2.19 7.14 -26.49
N VAL B 243 1.54 6.03 -26.83
CA VAL B 243 1.55 4.86 -25.95
C VAL B 243 2.95 4.27 -25.85
N ALA B 244 3.60 4.07 -27.00
CA ALA B 244 4.94 3.48 -27.01
C ALA B 244 5.93 4.36 -26.26
N LYS B 245 5.79 5.68 -26.36
CA LYS B 245 6.67 6.59 -25.63
C LYS B 245 6.47 6.44 -24.13
N GLU B 246 5.22 6.36 -23.68
CA GLU B 246 4.95 6.20 -22.25
C GLU B 246 5.34 4.81 -21.76
N VAL B 247 4.96 3.78 -22.53
CA VAL B 247 5.23 2.40 -22.12
C VAL B 247 6.73 2.17 -21.94
N ALA B 248 7.56 2.79 -22.79
CA ALA B 248 9.00 2.61 -22.69
C ALA B 248 9.55 3.09 -21.35
N ARG B 249 8.89 4.04 -20.71
CA ARG B 249 9.32 4.55 -19.41
C ARG B 249 8.76 3.74 -18.25
N VAL B 250 7.88 2.78 -18.50
CA VAL B 250 7.22 2.00 -17.47
C VAL B 250 7.96 0.66 -17.35
N PRO B 251 8.58 0.35 -16.21
CA PRO B 251 9.25 -0.96 -16.06
C PRO B 251 8.35 -2.14 -16.35
N LEU B 252 7.09 -2.13 -15.88
CA LEU B 252 6.18 -3.22 -16.20
C LEU B 252 5.77 -3.24 -17.66
N GLY B 253 6.16 -2.24 -18.45
CA GLY B 253 6.01 -2.30 -19.89
C GLY B 253 4.59 -2.24 -20.40
N ARG B 254 3.69 -1.64 -19.63
CA ARG B 254 2.29 -1.54 -20.06
C ARG B 254 1.60 -0.48 -19.21
N ILE B 255 0.47 0.00 -19.73
CA ILE B 255 -0.40 0.88 -18.97
C ILE B 255 -1.24 0.04 -18.02
N GLY B 256 -1.57 0.62 -16.87
CA GLY B 256 -2.34 -0.09 -15.87
C GLY B 256 -3.80 -0.24 -16.26
N GLU B 257 -4.53 -0.97 -15.41
CA GLU B 257 -5.96 -1.20 -15.57
C GLU B 257 -6.69 -0.58 -14.38
N PRO B 258 -7.96 -0.21 -14.55
CA PRO B 258 -8.69 0.43 -13.45
C PRO B 258 -8.70 -0.35 -12.14
N GLU B 259 -8.91 -1.67 -12.19
CA GLU B 259 -8.99 -2.44 -10.97
C GLU B 259 -7.65 -2.55 -10.24
N GLU B 260 -6.53 -2.28 -10.93
CA GLU B 260 -5.25 -2.24 -10.26
C GLU B 260 -5.13 -1.04 -9.33
N VAL B 261 -5.84 0.04 -9.65
CA VAL B 261 -5.91 1.18 -8.74
C VAL B 261 -6.96 0.93 -7.65
N ALA B 262 -8.08 0.30 -8.02
CA ALA B 262 -9.17 0.10 -7.07
C ALA B 262 -8.79 -0.83 -5.94
N ALA B 263 -7.93 -1.82 -6.21
CA ALA B 263 -7.60 -2.83 -5.21
C ALA B 263 -6.92 -2.21 -3.99
N ILE B 264 -5.83 -1.46 -4.23
CA ILE B 264 -5.13 -0.81 -3.13
C ILE B 264 -6.01 0.25 -2.47
N THR B 265 -6.85 0.92 -3.26
CA THR B 265 -7.81 1.87 -2.69
C THR B 265 -8.69 1.20 -1.66
N VAL B 266 -9.24 0.03 -1.99
CA VAL B 266 -10.09 -0.68 -1.05
C VAL B 266 -9.31 -1.19 0.16
N PHE B 267 -8.06 -1.64 -0.07
CA PHE B 267 -7.26 -2.14 1.04
C PHE B 267 -7.05 -1.06 2.10
N LEU B 268 -6.80 0.18 1.66
CA LEU B 268 -6.59 1.28 2.60
C LEU B 268 -7.83 1.59 3.43
N CYS B 269 -9.00 1.07 3.04
CA CYS B 269 -10.23 1.26 3.79
C CYS B 269 -10.51 0.11 4.75
N MET B 270 -9.80 -1.00 4.62
CA MET B 270 -10.03 -2.15 5.48
C MET B 270 -9.39 -1.94 6.85
N PRO B 271 -9.94 -2.56 7.89
CA PRO B 271 -9.29 -2.52 9.20
C PRO B 271 -7.86 -3.06 9.17
N ALA B 272 -7.52 -3.90 8.19
CA ALA B 272 -6.17 -4.41 8.07
C ALA B 272 -5.14 -3.28 7.90
N ALA B 273 -5.57 -2.15 7.34
CA ALA B 273 -4.71 -0.99 7.16
C ALA B 273 -4.77 -0.02 8.34
N SER B 274 -5.09 -0.52 9.54
CA SER B 274 -5.36 0.34 10.68
C SER B 274 -4.18 1.21 11.10
N TYR B 275 -2.96 0.87 10.68
CA TYR B 275 -1.78 1.63 11.09
C TYR B 275 -1.17 2.43 9.95
N ILE B 276 -1.82 2.47 8.80
CA ILE B 276 -1.33 3.17 7.61
C ILE B 276 -2.14 4.44 7.45
N THR B 277 -1.50 5.60 7.60
CA THR B 277 -2.17 6.87 7.45
C THR B 277 -1.16 7.94 7.02
N GLY B 278 -1.61 8.85 6.14
CA GLY B 278 -0.78 9.94 5.68
C GLY B 278 0.18 9.59 4.57
N GLN B 279 -0.02 8.47 3.90
N GLN B 279 0.00 8.45 3.90
CA GLN B 279 0.91 7.99 2.89
CA GLN B 279 0.93 7.98 2.90
C GLN B 279 0.37 8.22 1.48
C GLN B 279 0.37 8.21 1.50
N VAL B 280 1.29 8.39 0.54
CA VAL B 280 0.95 8.52 -0.88
C VAL B 280 1.56 7.32 -1.58
N ILE B 281 0.72 6.41 -2.05
CA ILE B 281 1.17 5.16 -2.66
C ILE B 281 1.08 5.30 -4.17
N CYS B 282 2.22 5.28 -4.84
N CYS B 282 2.22 5.21 -4.83
CA CYS B 282 2.27 5.38 -6.29
CA CYS B 282 2.30 5.36 -6.28
C CYS B 282 1.92 4.03 -6.90
C CYS B 282 1.96 4.03 -6.94
N VAL B 283 0.93 4.04 -7.80
CA VAL B 283 0.53 2.85 -8.54
C VAL B 283 0.83 3.10 -10.01
N ASP B 284 2.07 2.83 -10.43
CA ASP B 284 2.48 3.23 -11.77
C ASP B 284 3.35 2.20 -12.47
N GLY B 285 3.45 0.98 -11.96
CA GLY B 285 4.33 0.00 -12.56
C GLY B 285 5.80 0.36 -12.52
N GLY B 286 6.20 1.22 -11.58
CA GLY B 286 7.57 1.65 -11.46
C GLY B 286 7.94 2.88 -12.25
N ARG B 287 6.95 3.64 -12.73
CA ARG B 287 7.22 4.74 -13.65
C ARG B 287 8.11 5.80 -13.01
N THR B 288 7.74 6.27 -11.81
CA THR B 288 8.41 7.42 -11.23
C THR B 288 9.82 7.11 -10.73
N ILE B 289 10.15 5.84 -10.50
CA ILE B 289 11.44 5.46 -9.96
C ILE B 289 12.37 4.88 -11.03
N ASN B 290 11.95 4.89 -12.29
CA ASN B 290 12.73 4.34 -13.38
C ASN B 290 13.54 5.47 -14.02
N GLY B 291 14.87 5.37 -13.91
CA GLY B 291 15.75 6.35 -14.52
C GLY B 291 15.71 6.30 -16.03
PA NAP C . 13.67 -8.94 14.65
PA NAP C . 12.10 -9.58 16.17
O1A NAP C . 14.65 -9.33 15.74
O1A NAP C . 10.77 -9.55 16.87
O2A NAP C . 14.17 -8.15 13.47
O2A NAP C . 13.39 -9.72 16.94
O5B NAP C . 12.99 -10.31 14.13
O5B NAP C . 12.07 -10.75 15.06
C5B NAP C . 13.26 -11.50 14.84
C4B NAP C . 12.89 -12.75 14.05
O4B NAP C . 13.90 -12.98 13.08
C3B NAP C . 12.99 -13.88 15.05
O3B NAP C . 12.20 -14.98 14.59
C2B NAP C . 14.45 -14.24 14.98
O2B NAP C . 14.69 -15.57 15.43
C1B NAP C . 14.77 -14.03 13.51
N9A NAP C . 16.18 -13.65 13.28
C8A NAP C . 16.84 -12.62 13.85
N7A NAP C . 18.11 -12.55 13.40
C5A NAP C . 18.29 -13.56 12.53
C6A NAP C . 19.40 -14.07 11.68
N6A NAP C . 20.61 -13.45 11.70
N1A NAP C . 19.16 -15.14 10.90
C2A NAP C . 17.96 -15.75 10.89
N3A NAP C . 16.90 -15.34 11.61
C4A NAP C . 17.01 -14.28 12.45
O3 NAP C . 12.45 -8.17 15.38
O3 NAP C . 12.23 -8.29 15.21
PN NAP C . 11.16 -7.56 14.62
PN NAP C . 10.94 -7.54 14.62
O1N NAP C . 10.17 -8.67 14.35
O1N NAP C . 9.90 -8.57 14.25
O2N NAP C . 10.73 -6.34 15.41
O2N NAP C . 10.60 -6.41 15.56
O5D NAP C . 11.77 -7.03 13.23
O5D NAP C . 11.56 -6.90 13.28
C5D NAP C . 11.11 -7.29 12.00
C4D NAP C . 11.70 -6.34 10.96
O4D NAP C . 11.05 -5.08 11.09
C3D NAP C . 13.19 -6.12 11.21
O3D NAP C . 13.89 -6.20 9.97
C2D NAP C . 13.28 -4.70 11.74
O2D NAP C . 14.47 -4.06 11.25
C1D NAP C . 12.02 -4.04 11.22
N1N NAP C . 11.49 -2.99 12.11
C2N NAP C . 10.95 -3.30 13.30
C3N NAP C . 10.45 -2.28 14.11
C7N NAP C . 9.85 -2.57 15.45
O7N NAP C . 9.64 -3.72 15.79
N7N NAP C . 9.54 -1.54 16.24
C4N NAP C . 10.52 -0.96 13.68
C5N NAP C . 11.07 -0.68 12.45
C6N NAP C . 11.55 -1.73 11.67
P2B NAP C . 16.05 -15.90 16.23
O1X NAP C . 16.33 -14.68 17.06
O2X NAP C . 15.71 -17.14 17.02
O3X NAP C . 17.04 -16.11 15.11
C1 GOL D . 12.58 2.73 19.06
C1 GOL D . 13.43 -2.60 17.62
O1 GOL D . 11.76 3.85 18.87
O1 GOL D . 12.38 -1.83 18.13
C2 GOL D . 12.16 1.68 18.01
C2 GOL D . 13.37 -2.48 16.07
O2 GOL D . 12.16 2.19 16.73
O2 GOL D . 13.62 -1.19 15.63
C3 GOL D . 13.19 0.53 18.17
C3 GOL D . 14.42 -3.50 15.55
O3 GOL D . 13.13 -0.24 17.02
O3 GOL D . 14.09 -4.74 16.10
C1 GOL E . -6.31 -1.52 16.25
O1 GOL E . -7.49 -1.77 15.55
C2 GOL E . -5.70 -2.89 16.61
O2 GOL E . -4.91 -2.82 17.75
C3 GOL E . -4.88 -3.30 15.36
O3 GOL E . -4.93 -4.68 15.29
PA NAP F . -12.08 11.11 -14.84
PA NAP F . -12.65 9.18 -16.19
O1A NAP F . -12.48 11.74 -16.15
O1A NAP F . -12.37 7.82 -16.77
O2A NAP F . -11.09 11.83 -13.95
O2A NAP F . -12.99 10.35 -17.09
O5B NAP F . -13.42 10.82 -14.00
O5B NAP F . -13.81 9.06 -15.10
C5B NAP F . -14.51 10.24 -14.69
C4B NAP F . -15.62 9.84 -13.74
O4B NAP F . -15.87 10.93 -12.86
C3B NAP F . -16.86 9.68 -14.60
O3B NAP F . -17.78 8.81 -13.93
C2B NAP F . -17.40 11.09 -14.64
O2B NAP F . -18.79 11.12 -14.93
C1B NAP F . -17.07 11.60 -13.24
N9A NAP F . -16.84 13.06 -13.18
C8A NAP F . -15.95 13.77 -13.91
N7A NAP F . -16.00 15.08 -13.58
C5A NAP F . -16.93 15.24 -12.62
C6A NAP F . -17.49 16.36 -11.84
N6A NAP F . -17.05 17.62 -12.01
N1A NAP F . -18.46 16.08 -10.94
C2A NAP F . -18.91 14.82 -10.76
N3A NAP F . -18.46 13.76 -11.44
C4A NAP F . -17.48 13.90 -12.37
O3 NAP F . -11.64 9.58 -15.12
O3 NAP F . -11.41 9.62 -15.25
PN NAP F . -10.22 8.95 -14.74
PN NAP F . -10.35 8.54 -14.69
O1N NAP F . -10.40 7.47 -14.59
O1N NAP F . -11.11 7.35 -14.15
O2N NAP F . -9.19 9.50 -15.69
O2N NAP F . -9.28 8.37 -15.74
O5D NAP F . -9.98 9.58 -13.28
O5D NAP F . -9.71 9.35 -13.46
C5D NAP F . -9.64 8.79 -12.14
C4D NAP F . -8.78 9.67 -11.24
O4D NAP F . -7.42 9.25 -11.36
C3D NAP F . -8.83 11.14 -11.64
O3D NAP F . -8.84 11.94 -10.47
C2D NAP F . -7.54 11.38 -12.38
O2D NAP F . -7.09 12.71 -12.18
C1D NAP F . -6.60 10.36 -11.75
N1N NAP F . -5.58 9.87 -12.68
C2N NAP F . -5.92 9.16 -13.77
C3N NAP F . -4.93 8.70 -14.63
C7N NAP F . -5.28 7.91 -15.86
O7N NAP F . -6.42 7.53 -16.02
N7N NAP F . -4.31 7.67 -16.74
C4N NAP F . -3.60 8.98 -14.37
C5N NAP F . -3.28 9.71 -13.23
C6N NAP F . -4.30 10.15 -12.40
P2B NAP F . -19.39 12.29 -15.85
O1X NAP F . -18.29 12.61 -16.82
O2X NAP F . -20.61 11.67 -16.46
O3X NAP F . -19.64 13.40 -14.84
C1 GOL G . -1.51 10.26 -20.32
O1 GOL G . -0.30 10.95 -20.53
C2 GOL G . -2.14 10.86 -19.05
O2 GOL G . -1.63 10.27 -17.89
C3 GOL G . -3.65 10.60 -19.21
O3 GOL G . -4.30 11.49 -18.36
#